data_3P12
#
_entry.id   3P12
#
_cell.length_a   122.126
_cell.length_b   122.126
_cell.length_c   175.861
_cell.angle_alpha   90.00
_cell.angle_beta   90.00
_cell.angle_gamma   120.00
#
_symmetry.space_group_name_H-M   'P 65 2 2'
#
loop_
_entity.id
_entity.type
_entity.pdbx_description
1 polymer 'D-ribose pyranase'
2 non-polymer GLYCEROL
3 water water
#
_entity_poly.entity_id   1
_entity_poly.type   'polypeptide(L)'
_entity_poly.pdbx_seq_one_letter_code
;MGMKKSAVLNEHISKAIATIGHFDLLTINDAGMPIPNDHRRIDLAVTKNLPRFIDVLATVLEEMEIQKIYLAEEIKEHNP
TQLQQIKQLISSEIEIIFIPHEEMKSNLAHPLNKGNIRTGETTPYSNIALESNVTFLEHHHHHH
;
_entity_poly.pdbx_strand_id   A,B,C,D
#
# COMPACT_ATOMS: atom_id res chain seq x y z
N VAL A 8 -3.48 -16.34 -7.55
CA VAL A 8 -2.02 -16.62 -7.41
C VAL A 8 -1.30 -16.67 -8.75
N LEU A 9 -0.31 -15.79 -8.87
CA LEU A 9 0.55 -15.79 -10.03
C LEU A 9 1.84 -16.49 -9.67
N ASN A 10 2.04 -16.80 -8.38
CA ASN A 10 3.27 -17.48 -7.99
C ASN A 10 3.31 -18.92 -8.46
N GLU A 11 4.37 -19.25 -9.18
CA GLU A 11 4.54 -20.57 -9.75
C GLU A 11 4.76 -21.63 -8.68
N HIS A 12 5.74 -21.40 -7.82
CA HIS A 12 6.07 -22.37 -6.76
C HIS A 12 4.84 -22.65 -5.89
N ILE A 13 4.05 -21.61 -5.61
CA ILE A 13 2.84 -21.75 -4.81
C ILE A 13 1.77 -22.55 -5.55
N SER A 14 1.55 -22.20 -6.82
CA SER A 14 0.61 -22.94 -7.65
C SER A 14 1.02 -24.40 -7.76
N LYS A 15 2.33 -24.64 -7.82
CA LYS A 15 2.86 -25.99 -7.88
C LYS A 15 2.58 -26.75 -6.59
N ALA A 16 2.78 -26.08 -5.47
CA ALA A 16 2.53 -26.70 -4.17
C ALA A 16 1.05 -27.02 -4.02
N ILE A 17 0.20 -26.07 -4.39
CA ILE A 17 -1.24 -26.20 -4.30
C ILE A 17 -1.76 -27.30 -5.24
N ALA A 18 -0.99 -27.59 -6.29
CA ALA A 18 -1.38 -28.65 -7.22
C ALA A 18 -1.09 -30.04 -6.64
N THR A 19 -0.05 -30.12 -5.81
CA THR A 19 0.29 -31.38 -5.12
C THR A 19 -0.47 -31.54 -3.78
N ILE A 20 -1.42 -30.64 -3.50
CA ILE A 20 -2.08 -30.64 -2.20
C ILE A 20 -3.41 -31.36 -2.21
N GLY A 21 -3.53 -32.32 -1.30
CA GLY A 21 -4.76 -33.05 -1.05
C GLY A 21 -5.13 -33.05 0.43
N HIS A 22 -6.16 -33.83 0.77
CA HIS A 22 -6.67 -33.93 2.14
C HIS A 22 -5.58 -34.13 3.17
N PHE A 23 -5.66 -33.37 4.26
CA PHE A 23 -4.70 -33.42 5.37
C PHE A 23 -3.37 -32.71 5.11
N ASP A 24 -3.10 -32.36 3.86
CA ASP A 24 -1.86 -31.65 3.51
C ASP A 24 -1.80 -30.27 4.15
N LEU A 25 -0.59 -29.83 4.46
CA LEU A 25 -0.39 -28.55 5.11
C LEU A 25 0.34 -27.57 4.21
N LEU A 26 0.03 -26.31 4.40
CA LEU A 26 0.70 -25.22 3.70
C LEU A 26 0.82 -24.08 4.70
N THR A 27 2.01 -23.53 4.84
CA THR A 27 2.20 -22.46 5.81
C THR A 27 2.55 -21.12 5.16
N ILE A 28 2.31 -20.06 5.91
CA ILE A 28 2.65 -18.71 5.52
C ILE A 28 3.24 -18.08 6.77
N ASN A 29 4.43 -17.50 6.63
CA ASN A 29 5.19 -17.04 7.77
C ASN A 29 5.70 -15.62 7.68
N ASP A 30 6.03 -15.04 8.83
CA ASP A 30 6.64 -13.72 8.86
C ASP A 30 8.13 -13.82 8.51
N ALA A 31 8.78 -12.67 8.36
CA ALA A 31 10.17 -12.60 7.94
C ALA A 31 11.17 -13.33 8.85
N GLY A 32 10.89 -13.36 10.15
CA GLY A 32 11.81 -13.94 11.13
C GLY A 32 11.68 -15.44 11.38
N MET A 33 10.60 -16.06 10.90
CA MET A 33 10.38 -17.49 11.13
C MET A 33 11.51 -18.32 10.52
N PRO A 34 12.17 -19.17 11.34
CA PRO A 34 13.26 -20.01 10.85
C PRO A 34 12.76 -21.16 9.95
N ILE A 35 12.60 -20.88 8.67
CA ILE A 35 12.13 -21.86 7.72
C ILE A 35 13.29 -22.69 7.18
N PRO A 36 13.18 -24.04 7.26
CA PRO A 36 14.22 -24.94 6.76
C PRO A 36 14.56 -24.67 5.31
N ASN A 37 15.82 -24.88 4.96
CA ASN A 37 16.32 -24.63 3.62
C ASN A 37 16.18 -25.85 2.70
N ASP A 38 14.94 -26.17 2.34
CA ASP A 38 14.66 -27.30 1.46
C ASP A 38 13.71 -26.92 0.32
N HIS A 39 13.19 -27.92 -0.37
CA HIS A 39 12.30 -27.71 -1.51
C HIS A 39 10.96 -27.04 -1.14
N ARG A 40 10.56 -27.18 0.12
CA ARG A 40 9.31 -26.60 0.61
C ARG A 40 9.38 -25.07 0.72
N ARG A 41 10.59 -24.54 0.85
CA ARG A 41 10.79 -23.12 1.09
C ARG A 41 10.42 -22.25 -0.11
N ILE A 42 9.54 -21.27 0.14
CA ILE A 42 9.09 -20.33 -0.87
C ILE A 42 9.26 -18.89 -0.33
N ASP A 43 10.41 -18.29 -0.65
CA ASP A 43 10.74 -16.96 -0.16
C ASP A 43 10.13 -15.86 -1.02
N LEU A 44 9.12 -15.18 -0.49
CA LEU A 44 8.47 -14.08 -1.20
C LEU A 44 8.89 -12.73 -0.65
N ALA A 45 9.70 -12.76 0.40
CA ALA A 45 10.06 -11.53 1.11
C ALA A 45 10.83 -10.58 0.19
N VAL A 46 10.50 -9.30 0.27
CA VAL A 46 11.16 -8.29 -0.53
C VAL A 46 11.96 -7.41 0.43
N THR A 47 11.23 -6.84 1.39
CA THR A 47 11.79 -5.94 2.38
C THR A 47 10.79 -5.86 3.54
N LYS A 48 11.13 -5.12 4.58
CA LYS A 48 10.28 -4.98 5.75
C LYS A 48 8.82 -4.75 5.37
N ASN A 49 7.96 -5.69 5.75
CA ASN A 49 6.51 -5.58 5.50
C ASN A 49 6.10 -5.59 4.03
N LEU A 50 6.89 -6.28 3.20
CA LEU A 50 6.57 -6.40 1.79
C LEU A 50 7.00 -7.79 1.32
N PRO A 51 6.03 -8.65 1.01
CA PRO A 51 4.59 -8.40 1.16
C PRO A 51 4.12 -8.67 2.59
N ARG A 52 2.96 -8.13 2.95
CA ARG A 52 2.37 -8.29 4.26
C ARG A 52 1.77 -9.66 4.39
N PHE A 53 1.87 -10.24 5.59
CA PHE A 53 1.33 -11.57 5.88
C PHE A 53 -0.13 -11.68 5.42
N ILE A 54 -0.96 -10.73 5.81
CA ILE A 54 -2.39 -10.82 5.57
C ILE A 54 -2.74 -10.79 4.07
N ASP A 55 -1.91 -10.13 3.28
CA ASP A 55 -2.14 -10.04 1.84
C ASP A 55 -1.84 -11.37 1.14
N VAL A 56 -0.77 -12.04 1.58
CA VAL A 56 -0.44 -13.33 1.03
C VAL A 56 -1.52 -14.35 1.44
N LEU A 57 -1.91 -14.28 2.71
CA LEU A 57 -2.95 -15.16 3.23
C LEU A 57 -4.24 -15.04 2.43
N ALA A 58 -4.71 -13.81 2.23
CA ALA A 58 -5.95 -13.58 1.49
C ALA A 58 -5.85 -14.16 0.09
N THR A 59 -4.68 -14.03 -0.52
CA THR A 59 -4.45 -14.53 -1.87
C THR A 59 -4.46 -16.05 -1.93
N VAL A 60 -3.80 -16.69 -0.97
CA VAL A 60 -3.74 -18.14 -0.93
C VAL A 60 -5.10 -18.80 -0.63
N LEU A 61 -5.90 -18.17 0.24
CA LEU A 61 -7.24 -18.70 0.55
C LEU A 61 -8.14 -18.78 -0.67
N GLU A 62 -7.96 -17.87 -1.62
CA GLU A 62 -8.74 -17.86 -2.85
C GLU A 62 -8.47 -19.09 -3.72
N GLU A 63 -7.37 -19.80 -3.46
CA GLU A 63 -6.97 -20.96 -4.27
C GLU A 63 -6.88 -22.27 -3.49
N MET A 64 -7.50 -22.32 -2.31
CA MET A 64 -7.47 -23.52 -1.49
C MET A 64 -8.81 -23.75 -0.80
N GLU A 65 -9.15 -25.02 -0.61
CA GLU A 65 -10.29 -25.37 0.24
C GLU A 65 -9.65 -25.79 1.55
N ILE A 66 -9.87 -25.00 2.59
CA ILE A 66 -9.23 -25.26 3.87
CA ILE A 66 -9.23 -25.24 3.87
C ILE A 66 -10.23 -25.82 4.88
N GLN A 67 -9.72 -26.68 5.74
CA GLN A 67 -10.47 -27.37 6.77
C GLN A 67 -10.22 -26.74 8.15
N LYS A 68 -8.94 -26.57 8.47
CA LYS A 68 -8.51 -26.06 9.76
C LYS A 68 -7.34 -25.12 9.53
N ILE A 69 -7.13 -24.21 10.47
CA ILE A 69 -5.91 -23.42 10.47
C ILE A 69 -5.26 -23.52 11.85
N TYR A 70 -3.94 -23.42 11.88
CA TYR A 70 -3.19 -23.41 13.12
C TYR A 70 -2.52 -22.06 13.33
N LEU A 71 -2.61 -21.57 14.57
CA LEU A 71 -1.99 -20.32 14.97
C LEU A 71 -1.30 -20.52 16.29
N ALA A 72 -0.32 -19.68 16.56
CA ALA A 72 0.40 -19.71 17.83
C ALA A 72 -0.47 -19.11 18.91
N GLU A 73 -0.64 -19.84 20.01
CA GLU A 73 -1.36 -19.31 21.18
C GLU A 73 -0.90 -17.88 21.52
N GLU A 74 0.40 -17.62 21.43
CA GLU A 74 0.99 -16.31 21.72
C GLU A 74 0.38 -15.16 20.89
N ILE A 75 -0.20 -15.47 19.74
CA ILE A 75 -0.81 -14.43 18.90
C ILE A 75 -1.94 -13.68 19.60
N LYS A 76 -2.67 -14.38 20.48
CA LYS A 76 -3.78 -13.76 21.21
C LYS A 76 -3.35 -12.53 21.99
N GLU A 77 -2.21 -12.63 22.66
CA GLU A 77 -1.71 -11.56 23.51
C GLU A 77 -0.73 -10.62 22.78
N HIS A 78 0.11 -11.20 21.93
CA HIS A 78 1.18 -10.43 21.32
C HIS A 78 0.86 -9.77 19.99
N ASN A 79 -0.26 -10.16 19.40
CA ASN A 79 -0.67 -9.61 18.12
C ASN A 79 -2.15 -9.77 17.89
N PRO A 80 -2.98 -9.16 18.76
CA PRO A 80 -4.44 -9.22 18.68
C PRO A 80 -4.97 -8.72 17.33
N THR A 81 -4.35 -7.66 16.82
CA THR A 81 -4.72 -7.08 15.53
CA THR A 81 -4.68 -7.07 15.51
C THR A 81 -4.61 -8.09 14.38
N GLN A 82 -3.52 -8.86 14.35
CA GLN A 82 -3.35 -9.86 13.31
C GLN A 82 -4.39 -10.95 13.49
N LEU A 83 -4.63 -11.37 14.74
CA LEU A 83 -5.62 -12.43 14.98
C LEU A 83 -6.97 -12.01 14.43
N GLN A 84 -7.36 -10.77 14.74
CA GLN A 84 -8.63 -10.22 14.26
C GLN A 84 -8.70 -10.16 12.73
N GLN A 85 -7.61 -9.78 12.08
CA GLN A 85 -7.57 -9.71 10.62
C GLN A 85 -7.71 -11.10 10.00
N ILE A 86 -7.07 -12.09 10.62
CA ILE A 86 -7.21 -13.46 10.18
C ILE A 86 -8.67 -13.93 10.30
N LYS A 87 -9.28 -13.70 11.46
CA LYS A 87 -10.68 -14.13 11.68
C LYS A 87 -11.65 -13.49 10.69
N GLN A 88 -11.42 -12.24 10.35
CA GLN A 88 -12.26 -11.51 9.38
C GLN A 88 -12.10 -12.07 7.97
N LEU A 89 -11.03 -12.82 7.75
CA LEU A 89 -10.70 -13.34 6.44
C LEU A 89 -11.30 -14.71 6.16
N ILE A 90 -11.17 -15.62 7.12
CA ILE A 90 -11.66 -16.98 6.95
C ILE A 90 -13.14 -17.06 7.31
N SER A 91 -13.83 -18.10 6.80
CA SER A 91 -15.25 -18.26 7.10
C SER A 91 -15.44 -18.91 8.46
N SER A 92 -16.63 -18.69 9.02
CA SER A 92 -17.04 -19.28 10.30
C SER A 92 -16.95 -20.81 10.32
N GLU A 93 -17.07 -21.39 9.15
CA GLU A 93 -17.02 -22.85 9.01
C GLU A 93 -15.64 -23.45 9.34
N ILE A 94 -14.59 -22.69 9.16
CA ILE A 94 -13.22 -23.16 9.37
C ILE A 94 -12.84 -23.09 10.85
N GLU A 95 -12.25 -24.18 11.35
CA GLU A 95 -11.86 -24.27 12.74
C GLU A 95 -10.47 -23.72 13.03
N ILE A 96 -10.36 -22.91 14.08
CA ILE A 96 -9.09 -22.33 14.48
C ILE A 96 -8.51 -23.05 15.68
N ILE A 97 -7.32 -23.62 15.49
CA ILE A 97 -6.65 -24.34 16.54
C ILE A 97 -5.40 -23.61 16.97
N PHE A 98 -5.30 -23.30 18.26
CA PHE A 98 -4.11 -22.67 18.81
C PHE A 98 -3.14 -23.68 19.41
N ILE A 99 -1.88 -23.56 19.05
CA ILE A 99 -0.82 -24.40 19.58
C ILE A 99 0.33 -23.48 19.97
N PRO A 100 1.30 -23.98 20.76
CA PRO A 100 2.45 -23.18 21.15
C PRO A 100 3.30 -22.79 19.95
N HIS A 101 3.80 -21.54 19.93
CA HIS A 101 4.63 -21.09 18.82
C HIS A 101 5.69 -22.12 18.48
N GLU A 102 6.25 -22.73 19.52
CA GLU A 102 7.27 -23.77 19.34
C GLU A 102 6.78 -24.91 18.43
N GLU A 103 5.52 -25.27 18.59
CA GLU A 103 4.90 -26.30 17.76
CA GLU A 103 4.93 -26.31 17.67
C GLU A 103 4.76 -25.78 16.33
N MET A 104 4.37 -24.52 16.18
CA MET A 104 4.24 -23.92 14.84
C MET A 104 5.57 -24.07 14.09
N LYS A 105 6.67 -23.90 14.82
CA LYS A 105 8.01 -24.08 14.26
C LYS A 105 8.28 -25.52 13.82
N SER A 106 7.89 -26.48 14.65
CA SER A 106 8.05 -27.91 14.33
C SER A 106 7.29 -28.28 13.08
N ASN A 107 6.07 -27.75 12.96
CA ASN A 107 5.23 -28.05 11.82
C ASN A 107 5.83 -27.64 10.48
N LEU A 108 6.84 -26.77 10.51
CA LEU A 108 7.52 -26.39 9.27
C LEU A 108 8.19 -27.60 8.62
N ALA A 109 8.34 -28.68 9.39
CA ALA A 109 8.94 -29.91 8.87
C ALA A 109 7.96 -31.09 8.95
N HIS A 110 6.67 -30.79 9.04
CA HIS A 110 5.64 -31.81 9.09
C HIS A 110 5.70 -32.66 7.81
N PRO A 111 5.52 -33.99 7.92
CA PRO A 111 5.61 -34.89 6.76
C PRO A 111 4.62 -34.55 5.64
N LEU A 112 3.50 -33.92 6.00
CA LEU A 112 2.48 -33.56 5.01
C LEU A 112 2.51 -32.08 4.64
N ASN A 113 3.59 -31.40 5.05
CA ASN A 113 3.77 -30.00 4.73
C ASN A 113 4.23 -29.89 3.30
N LYS A 114 3.42 -29.23 2.46
CA LYS A 114 3.73 -29.10 1.04
C LYS A 114 4.34 -27.73 0.64
N GLY A 115 4.73 -26.94 1.64
CA GLY A 115 5.30 -25.63 1.36
C GLY A 115 5.28 -24.66 2.51
N ASN A 116 6.36 -23.92 2.63
CA ASN A 116 6.49 -22.89 3.65
C ASN A 116 6.75 -21.56 2.98
N ILE A 117 5.74 -20.71 2.96
CA ILE A 117 5.84 -19.39 2.34
C ILE A 117 6.36 -18.36 3.32
N ARG A 118 7.40 -17.65 2.92
CA ARG A 118 7.97 -16.57 3.71
C ARG A 118 7.53 -15.23 3.17
N THR A 119 6.94 -14.40 4.04
CA THR A 119 6.54 -13.05 3.65
C THR A 119 7.54 -12.06 4.24
N GLY A 120 7.30 -10.77 4.01
CA GLY A 120 8.14 -9.74 4.60
C GLY A 120 7.62 -9.20 5.92
N GLU A 121 6.57 -9.84 6.46
CA GLU A 121 5.91 -9.41 7.70
C GLU A 121 6.85 -9.33 8.92
N THR A 122 6.75 -8.25 9.68
CA THR A 122 7.58 -8.07 10.86
C THR A 122 6.84 -8.12 12.20
N THR A 123 5.51 -8.01 12.18
CA THR A 123 4.73 -8.15 13.41
C THR A 123 4.80 -9.58 13.97
N PRO A 124 4.89 -9.72 15.30
CA PRO A 124 5.12 -11.00 15.96
C PRO A 124 4.01 -12.02 15.76
N TYR A 125 4.38 -13.29 15.65
CA TYR A 125 3.44 -14.41 15.53
C TYR A 125 2.52 -14.33 14.31
N SER A 126 2.99 -13.66 13.25
CA SER A 126 2.25 -13.66 12.00
C SER A 126 2.64 -14.88 11.19
N ASN A 127 2.21 -16.03 11.69
CA ASN A 127 2.46 -17.30 11.04
C ASN A 127 1.19 -18.09 11.11
N ILE A 128 0.96 -18.94 10.11
CA ILE A 128 -0.25 -19.74 10.05
C ILE A 128 0.02 -21.03 9.32
N ALA A 129 -0.75 -22.06 9.68
CA ALA A 129 -0.69 -23.32 8.95
C ALA A 129 -2.08 -23.61 8.44
N LEU A 130 -2.17 -23.89 7.14
CA LEU A 130 -3.45 -24.17 6.50
C LEU A 130 -3.55 -25.66 6.21
N GLU A 131 -4.61 -26.29 6.71
CA GLU A 131 -4.83 -27.71 6.46
C GLU A 131 -5.89 -27.92 5.40
N SER A 132 -5.51 -28.67 4.37
CA SER A 132 -6.39 -28.84 3.24
C SER A 132 -7.51 -29.84 3.49
N ASN A 133 -8.69 -29.47 2.99
CA ASN A 133 -9.82 -30.37 2.94
C ASN A 133 -9.62 -31.31 1.75
N VAL A 134 -10.63 -32.14 1.45
CA VAL A 134 -10.58 -32.99 0.26
C VAL A 134 -10.51 -32.13 -0.99
N THR A 135 -9.52 -32.39 -1.84
CA THR A 135 -9.37 -31.63 -3.08
C THR A 135 -10.25 -32.23 -4.18
N PHE A 136 -9.91 -33.44 -4.61
CA PHE A 136 -10.60 -34.14 -5.71
C PHE A 136 -9.91 -35.47 -6.05
N VAL B 8 -17.85 4.63 1.64
CA VAL B 8 -16.99 5.76 2.00
C VAL B 8 -17.30 6.27 3.41
N LEU B 9 -16.26 6.67 4.12
CA LEU B 9 -16.41 7.16 5.42
C LEU B 9 -16.10 8.65 5.53
N ASN B 10 -15.54 9.31 4.53
CA ASN B 10 -15.29 10.73 4.68
C ASN B 10 -16.61 11.44 4.91
N GLU B 11 -16.65 12.28 5.94
CA GLU B 11 -17.86 13.01 6.29
C GLU B 11 -18.24 14.01 5.20
N HIS B 12 -17.26 14.74 4.68
CA HIS B 12 -17.53 15.72 3.65
C HIS B 12 -17.98 15.06 2.33
N ILE B 13 -17.35 13.95 1.96
CA ILE B 13 -17.76 13.26 0.76
C ILE B 13 -19.21 12.75 0.89
N SER B 14 -19.53 12.16 2.02
CA SER B 14 -20.88 11.68 2.27
C SER B 14 -21.88 12.83 2.19
N LYS B 15 -21.52 13.95 2.80
CA LYS B 15 -22.35 15.15 2.77
C LYS B 15 -22.69 15.53 1.32
N ALA B 16 -21.64 15.75 0.53
CA ALA B 16 -21.78 16.11 -0.89
C ALA B 16 -22.63 15.10 -1.67
N ILE B 17 -22.35 13.82 -1.46
CA ILE B 17 -23.07 12.74 -2.13
C ILE B 17 -24.55 12.69 -1.75
N ALA B 18 -24.92 13.38 -0.68
CA ALA B 18 -26.32 13.40 -0.24
C ALA B 18 -27.10 14.53 -0.90
N THR B 19 -26.41 15.62 -1.23
CA THR B 19 -26.98 16.75 -1.94
C THR B 19 -26.96 16.55 -3.47
N ILE B 20 -26.51 15.38 -3.92
CA ILE B 20 -26.28 15.14 -5.33
C ILE B 20 -27.43 14.46 -6.04
N GLY B 21 -27.89 15.12 -7.10
CA GLY B 21 -28.93 14.59 -7.96
C GLY B 21 -28.51 14.55 -9.40
N HIS B 22 -29.44 14.17 -10.26
CA HIS B 22 -29.22 14.12 -11.70
C HIS B 22 -28.50 15.35 -12.22
N PHE B 23 -27.50 15.15 -13.08
CA PHE B 23 -26.71 16.23 -13.69
C PHE B 23 -25.64 16.87 -12.79
N ASP B 24 -25.69 16.58 -11.50
CA ASP B 24 -24.67 17.07 -10.57
C ASP B 24 -23.30 16.46 -10.83
N LEU B 25 -22.27 17.23 -10.50
CA LEU B 25 -20.89 16.82 -10.70
C LEU B 25 -20.17 16.66 -9.39
N LEU B 26 -19.21 15.74 -9.39
CA LEU B 26 -18.29 15.51 -8.30
C LEU B 26 -16.94 15.19 -8.92
N THR B 27 -15.88 15.82 -8.46
CA THR B 27 -14.57 15.58 -9.06
C THR B 27 -13.58 14.97 -8.08
N ILE B 28 -12.58 14.32 -8.65
CA ILE B 28 -11.49 13.73 -7.89
C ILE B 28 -10.23 14.13 -8.64
N ASN B 29 -9.28 14.73 -7.93
CA ASN B 29 -8.11 15.30 -8.58
C ASN B 29 -6.78 14.91 -7.95
N ASP B 30 -5.70 15.07 -8.72
CA ASP B 30 -4.36 14.86 -8.19
C ASP B 30 -3.91 16.02 -7.32
N ALA B 31 -2.75 15.86 -6.68
CA ALA B 31 -2.25 16.85 -5.73
C ALA B 31 -2.04 18.25 -6.33
N GLY B 32 -1.66 18.32 -7.61
CA GLY B 32 -1.33 19.59 -8.25
C GLY B 32 -2.47 20.36 -8.90
N MET B 33 -3.65 19.74 -9.03
CA MET B 33 -4.80 20.43 -9.62
C MET B 33 -5.16 21.65 -8.80
N PRO B 34 -5.29 22.82 -9.46
CA PRO B 34 -5.62 24.05 -8.74
C PRO B 34 -7.11 24.10 -8.38
N ILE B 35 -7.45 23.56 -7.23
CA ILE B 35 -8.83 23.53 -6.79
C ILE B 35 -9.17 24.81 -6.05
N PRO B 36 -10.26 25.49 -6.47
CA PRO B 36 -10.69 26.73 -5.81
C PRO B 36 -10.86 26.55 -4.29
N ASN B 37 -10.62 27.63 -3.56
CA ASN B 37 -10.71 27.59 -2.11
C ASN B 37 -12.11 27.96 -1.62
N ASP B 38 -13.06 27.06 -1.82
CA ASP B 38 -14.45 27.27 -1.40
C ASP B 38 -15.03 26.08 -0.65
N HIS B 39 -16.34 26.12 -0.44
CA HIS B 39 -17.06 25.09 0.31
C HIS B 39 -17.07 23.69 -0.32
N ARG B 40 -16.75 23.57 -1.60
CA ARG B 40 -16.74 22.27 -2.28
C ARG B 40 -15.40 21.56 -2.18
N ARG B 41 -14.37 22.29 -1.80
CA ARG B 41 -13.03 21.72 -1.70
C ARG B 41 -12.94 20.71 -0.56
N ILE B 42 -12.53 19.50 -0.90
CA ILE B 42 -12.34 18.42 0.06
C ILE B 42 -10.91 17.90 -0.07
N ASP B 43 -10.03 18.37 0.81
CA ASP B 43 -8.61 18.02 0.75
C ASP B 43 -8.32 16.75 1.53
N LEU B 44 -8.10 15.65 0.80
CA LEU B 44 -7.77 14.38 1.44
C LEU B 44 -6.27 14.08 1.38
N ALA B 45 -5.51 14.92 0.67
CA ALA B 45 -4.08 14.70 0.48
C ALA B 45 -3.35 14.63 1.81
N VAL B 46 -2.52 13.61 1.96
CA VAL B 46 -1.72 13.40 3.15
C VAL B 46 -0.28 13.75 2.79
N THR B 47 0.23 13.02 1.82
CA THR B 47 1.58 13.22 1.33
C THR B 47 1.65 12.66 -0.11
N LYS B 48 2.80 12.81 -0.75
CA LYS B 48 3.02 12.32 -2.11
C LYS B 48 2.46 10.92 -2.32
N ASN B 49 1.45 10.81 -3.19
CA ASN B 49 0.79 9.54 -3.49
C ASN B 49 0.05 8.87 -2.33
N LEU B 50 -0.46 9.68 -1.40
CA LEU B 50 -1.27 9.17 -0.31
C LEU B 50 -2.37 10.18 -0.01
N PRO B 51 -3.63 9.82 -0.31
CA PRO B 51 -4.03 8.58 -0.96
C PRO B 51 -3.95 8.66 -2.49
N ARG B 52 -3.90 7.51 -3.14
CA ARG B 52 -3.84 7.42 -4.59
C ARG B 52 -5.17 7.79 -5.24
N PHE B 53 -5.09 8.34 -6.45
CA PHE B 53 -6.26 8.76 -7.19
C PHE B 53 -7.18 7.57 -7.39
N ILE B 54 -6.60 6.45 -7.77
CA ILE B 54 -7.37 5.27 -8.14
C ILE B 54 -8.13 4.68 -6.93
N ASP B 55 -7.59 4.89 -5.74
CA ASP B 55 -8.19 4.34 -4.53
C ASP B 55 -9.37 5.17 -4.10
N VAL B 56 -9.23 6.48 -4.20
CA VAL B 56 -10.36 7.37 -3.92
C VAL B 56 -11.50 7.13 -4.92
N LEU B 57 -11.16 7.03 -6.20
CA LEU B 57 -12.15 6.76 -7.24
C LEU B 57 -12.92 5.47 -6.98
N ALA B 58 -12.19 4.38 -6.75
CA ALA B 58 -12.84 3.10 -6.48
C ALA B 58 -13.83 3.21 -5.32
N THR B 59 -13.45 3.96 -4.29
CA THR B 59 -14.29 4.13 -3.11
C THR B 59 -15.54 4.92 -3.42
N VAL B 60 -15.37 6.03 -4.14
CA VAL B 60 -16.48 6.91 -4.49
C VAL B 60 -17.51 6.23 -5.40
N LEU B 61 -17.03 5.46 -6.38
CA LEU B 61 -17.94 4.76 -7.31
C LEU B 61 -18.90 3.83 -6.58
N GLU B 62 -18.46 3.29 -5.44
CA GLU B 62 -19.29 2.42 -4.61
C GLU B 62 -20.51 3.15 -4.02
N GLU B 63 -20.42 4.48 -3.92
CA GLU B 63 -21.48 5.25 -3.28
C GLU B 63 -22.28 6.16 -4.24
N MET B 64 -22.01 6.07 -5.54
CA MET B 64 -22.66 6.95 -6.51
C MET B 64 -23.26 6.23 -7.72
N GLU B 65 -24.34 6.79 -8.22
CA GLU B 65 -24.93 6.36 -9.47
C GLU B 65 -24.45 7.30 -10.59
N ILE B 66 -23.44 6.84 -11.31
CA ILE B 66 -22.79 7.66 -12.34
CA ILE B 66 -22.80 7.65 -12.33
C ILE B 66 -23.38 7.38 -13.72
N GLN B 67 -23.37 8.42 -14.55
CA GLN B 67 -23.92 8.39 -15.89
C GLN B 67 -22.78 8.53 -16.89
N LYS B 68 -21.91 9.50 -16.64
CA LYS B 68 -20.77 9.80 -17.48
C LYS B 68 -19.58 10.18 -16.60
N ILE B 69 -18.39 10.06 -17.18
CA ILE B 69 -17.19 10.60 -16.56
C ILE B 69 -16.48 11.47 -17.59
N TYR B 70 -15.80 12.50 -17.10
CA TYR B 70 -15.02 13.37 -17.97
C TYR B 70 -13.56 13.20 -17.60
N LEU B 71 -12.72 13.06 -18.62
CA LEU B 71 -11.27 12.96 -18.45
C LEU B 71 -10.58 13.92 -19.41
N ALA B 72 -9.36 14.31 -19.08
CA ALA B 72 -8.57 15.15 -19.95
C ALA B 72 -8.10 14.35 -21.15
N GLU B 73 -8.25 14.94 -22.33
CA GLU B 73 -7.73 14.33 -23.56
C GLU B 73 -6.25 13.95 -23.41
N GLU B 74 -5.50 14.79 -22.70
CA GLU B 74 -4.07 14.58 -22.43
C GLU B 74 -3.72 13.28 -21.69
N ILE B 75 -4.68 12.67 -21.01
CA ILE B 75 -4.41 11.44 -20.28
C ILE B 75 -4.00 10.29 -21.19
N LYS B 76 -4.58 10.24 -22.39
CA LYS B 76 -4.33 9.14 -23.34
C LYS B 76 -2.85 8.99 -23.65
N GLU B 77 -2.15 10.10 -23.79
CA GLU B 77 -0.74 10.05 -24.11
C GLU B 77 0.17 10.14 -22.87
N HIS B 78 -0.20 11.00 -21.93
CA HIS B 78 0.66 11.26 -20.79
C HIS B 78 0.49 10.34 -19.60
N ASN B 79 -0.61 9.61 -19.55
CA ASN B 79 -0.85 8.69 -18.46
C ASN B 79 -1.71 7.53 -18.90
N PRO B 80 -1.19 6.73 -19.85
CA PRO B 80 -1.89 5.57 -20.40
C PRO B 80 -2.32 4.59 -19.30
N THR B 81 -1.42 4.35 -18.35
CA THR B 81 -1.67 3.48 -17.21
C THR B 81 -2.88 3.91 -16.37
N GLN B 82 -2.98 5.19 -16.06
CA GLN B 82 -4.12 5.69 -15.30
C GLN B 82 -5.43 5.52 -16.10
N LEU B 83 -5.36 5.76 -17.40
CA LEU B 83 -6.56 5.61 -18.23
C LEU B 83 -7.04 4.17 -18.18
N GLN B 84 -6.10 3.25 -18.37
CA GLN B 84 -6.41 1.84 -18.26
C GLN B 84 -7.02 1.44 -16.90
N GLN B 85 -6.44 1.95 -15.81
CA GLN B 85 -6.95 1.66 -14.47
C GLN B 85 -8.36 2.17 -14.30
N ILE B 86 -8.63 3.38 -14.81
CA ILE B 86 -9.97 3.91 -14.71
C ILE B 86 -10.97 3.06 -15.48
N LYS B 87 -10.60 2.67 -16.70
CA LYS B 87 -11.48 1.83 -17.52
C LYS B 87 -11.85 0.50 -16.88
N GLN B 88 -10.87 -0.16 -16.25
CA GLN B 88 -11.11 -1.42 -15.54
C GLN B 88 -12.03 -1.25 -14.33
N LEU B 89 -12.13 -0.02 -13.83
CA LEU B 89 -12.97 0.27 -12.67
C LEU B 89 -14.44 0.48 -12.98
N ILE B 90 -14.73 1.25 -14.03
CA ILE B 90 -16.09 1.62 -14.36
C ILE B 90 -16.74 0.60 -15.29
N SER B 91 -18.07 0.55 -15.27
CA SER B 91 -18.83 -0.35 -16.12
C SER B 91 -18.78 0.08 -17.59
N SER B 92 -19.03 -0.87 -18.49
CA SER B 92 -19.08 -0.59 -19.92
C SER B 92 -20.31 0.28 -20.27
N GLU B 93 -21.23 0.37 -19.32
CA GLU B 93 -22.44 1.19 -19.48
C GLU B 93 -22.23 2.68 -19.18
N ILE B 94 -21.06 3.04 -18.66
CA ILE B 94 -20.74 4.44 -18.40
C ILE B 94 -19.94 5.00 -19.56
N GLU B 95 -20.39 6.14 -20.06
CA GLU B 95 -19.73 6.80 -21.19
C GLU B 95 -18.53 7.64 -20.71
N ILE B 96 -17.43 7.55 -21.46
CA ILE B 96 -16.21 8.30 -21.19
C ILE B 96 -16.02 9.43 -22.19
N ILE B 97 -16.07 10.66 -21.70
CA ILE B 97 -15.94 11.81 -22.57
C ILE B 97 -14.62 12.53 -22.31
N PHE B 98 -13.80 12.64 -23.36
CA PHE B 98 -12.54 13.35 -23.25
C PHE B 98 -12.70 14.79 -23.63
N ILE B 99 -12.18 15.68 -22.78
CA ILE B 99 -12.17 17.11 -23.02
C ILE B 99 -10.75 17.60 -22.75
N PRO B 100 -10.42 18.83 -23.17
CA PRO B 100 -9.07 19.35 -22.87
C PRO B 100 -8.89 19.60 -21.36
N HIS B 101 -7.69 19.33 -20.86
CA HIS B 101 -7.38 19.57 -19.45
C HIS B 101 -7.82 20.96 -18.98
N GLU B 102 -7.65 21.96 -19.84
CA GLU B 102 -8.06 23.31 -19.50
C GLU B 102 -9.52 23.40 -19.10
N GLU B 103 -10.37 22.56 -19.72
CA GLU B 103 -11.79 22.54 -19.40
CA GLU B 103 -11.79 22.53 -19.41
C GLU B 103 -12.08 21.73 -18.13
N MET B 104 -11.29 20.67 -17.91
CA MET B 104 -11.39 19.90 -16.66
C MET B 104 -11.22 20.90 -15.51
N LYS B 105 -10.29 21.83 -15.67
CA LYS B 105 -10.04 22.86 -14.68
C LYS B 105 -11.21 23.83 -14.53
N SER B 106 -11.80 24.22 -15.66
CA SER B 106 -12.97 25.09 -15.64
CA SER B 106 -12.94 25.08 -15.73
C SER B 106 -14.13 24.44 -14.93
N ASN B 107 -14.25 23.13 -15.09
CA ASN B 107 -15.33 22.39 -14.47
C ASN B 107 -15.24 22.34 -12.96
N LEU B 108 -14.08 22.67 -12.40
CA LEU B 108 -13.95 22.75 -10.94
C LEU B 108 -14.87 23.83 -10.37
N ALA B 109 -15.30 24.74 -11.25
CA ALA B 109 -16.20 25.82 -10.85
C ALA B 109 -17.58 25.71 -11.52
N HIS B 110 -17.89 24.55 -12.09
CA HIS B 110 -19.17 24.33 -12.71
C HIS B 110 -20.30 24.57 -11.70
N PRO B 111 -21.42 25.17 -12.15
CA PRO B 111 -22.53 25.47 -11.25
C PRO B 111 -23.17 24.25 -10.58
N LEU B 112 -23.06 23.09 -11.23
CA LEU B 112 -23.63 21.87 -10.68
C LEU B 112 -22.57 21.01 -9.98
N ASN B 113 -21.39 21.59 -9.80
CA ASN B 113 -20.30 20.92 -9.10
C ASN B 113 -20.58 20.88 -7.59
N LYS B 114 -20.67 19.69 -7.04
CA LYS B 114 -21.01 19.54 -5.63
C LYS B 114 -19.80 19.18 -4.75
N GLY B 115 -18.62 19.12 -5.35
CA GLY B 115 -17.44 18.81 -4.58
C GLY B 115 -16.23 18.49 -5.41
N ASN B 116 -15.10 19.05 -4.99
CA ASN B 116 -13.80 18.79 -5.60
C ASN B 116 -12.87 18.11 -4.60
N ILE B 117 -12.66 16.82 -4.80
CA ILE B 117 -11.84 16.02 -3.93
C ILE B 117 -10.38 16.04 -4.37
N ARG B 118 -9.51 16.39 -3.42
CA ARG B 118 -8.07 16.42 -3.66
C ARG B 118 -7.41 15.19 -3.05
N THR B 119 -6.71 14.42 -3.88
CA THR B 119 -5.96 13.26 -3.44
C THR B 119 -4.48 13.64 -3.39
N GLY B 120 -3.63 12.70 -3.00
CA GLY B 120 -2.18 12.93 -2.98
C GLY B 120 -1.49 12.50 -4.26
N GLU B 121 -2.27 12.07 -5.26
CA GLU B 121 -1.71 11.57 -6.53
C GLU B 121 -0.74 12.54 -7.22
N THR B 122 0.40 12.03 -7.67
CA THR B 122 1.40 12.87 -8.35
C THR B 122 1.58 12.60 -9.84
N THR B 123 0.99 11.52 -10.34
CA THR B 123 1.06 11.25 -11.77
C THR B 123 0.14 12.20 -12.55
N PRO B 124 0.56 12.60 -13.76
CA PRO B 124 -0.09 13.64 -14.58
C PRO B 124 -1.51 13.29 -15.06
N TYR B 125 -2.37 14.29 -15.04
CA TYR B 125 -3.74 14.18 -15.54
C TYR B 125 -4.59 13.12 -14.83
N SER B 126 -4.27 12.85 -13.57
CA SER B 126 -5.11 11.98 -12.74
C SER B 126 -6.24 12.81 -12.17
N ASN B 127 -7.13 13.26 -13.05
CA ASN B 127 -8.28 14.04 -12.63
C ASN B 127 -9.51 13.50 -13.32
N ILE B 128 -10.65 13.55 -12.64
CA ILE B 128 -11.88 13.01 -13.21
C ILE B 128 -13.06 13.80 -12.73
N ALA B 129 -14.11 13.81 -13.54
CA ALA B 129 -15.35 14.46 -13.16
C ALA B 129 -16.43 13.42 -13.35
N LEU B 130 -17.20 13.18 -12.30
CA LEU B 130 -18.26 12.18 -12.33
C LEU B 130 -19.62 12.86 -12.41
N GLU B 131 -20.41 12.47 -13.39
CA GLU B 131 -21.74 13.06 -13.55
C GLU B 131 -22.79 12.09 -13.07
N SER B 132 -23.63 12.60 -12.19
CA SER B 132 -24.64 11.78 -11.55
C SER B 132 -25.85 11.47 -12.42
N ASN B 133 -26.33 10.25 -12.28
CA ASN B 133 -27.59 9.80 -12.83
C ASN B 133 -28.73 10.26 -11.92
N VAL B 134 -29.94 9.80 -12.20
CA VAL B 134 -31.09 10.04 -11.33
C VAL B 134 -30.90 9.16 -10.10
N THR B 135 -31.03 9.75 -8.91
CA THR B 135 -30.78 9.01 -7.65
C THR B 135 -32.02 8.32 -7.07
N PHE B 136 -31.85 7.76 -5.87
CA PHE B 136 -32.86 7.01 -5.11
C PHE B 136 -32.71 5.50 -5.30
N ALA C 7 6.41 17.63 2.49
CA ALA C 7 5.93 16.36 3.02
C ALA C 7 4.43 16.38 3.25
N VAL C 8 3.97 17.35 4.03
CA VAL C 8 2.54 17.47 4.34
C VAL C 8 1.90 18.24 3.18
N LEU C 9 1.01 17.58 2.46
CA LEU C 9 0.35 18.21 1.33
C LEU C 9 -0.97 18.85 1.74
N ASN C 10 -1.59 18.34 2.79
CA ASN C 10 -2.90 18.83 3.21
C ASN C 10 -2.83 20.29 3.63
N GLU C 11 -3.70 21.11 3.04
CA GLU C 11 -3.71 22.56 3.32
C GLU C 11 -4.12 22.82 4.77
N HIS C 12 -5.15 22.13 5.22
CA HIS C 12 -5.63 22.34 6.57
C HIS C 12 -4.58 21.94 7.63
N ILE C 13 -3.93 20.79 7.44
CA ILE C 13 -2.90 20.38 8.39
C ILE C 13 -1.76 21.38 8.39
N SER C 14 -1.41 21.88 7.21
CA SER C 14 -0.35 22.89 7.10
C SER C 14 -0.73 24.16 7.85
N LYS C 15 -1.98 24.58 7.70
CA LYS C 15 -2.49 25.76 8.41
C LYS C 15 -2.47 25.57 9.94
N ALA C 16 -2.97 24.43 10.42
CA ALA C 16 -2.99 24.15 11.85
C ALA C 16 -1.57 24.20 12.42
N ILE C 17 -0.65 23.54 11.74
CA ILE C 17 0.75 23.51 12.15
C ILE C 17 1.35 24.92 12.13
N ALA C 18 0.76 25.82 11.34
CA ALA C 18 1.23 27.20 11.26
C ALA C 18 0.83 27.99 12.50
N THR C 19 -0.37 27.72 13.02
CA THR C 19 -0.87 28.37 14.22
C THR C 19 -0.47 27.59 15.48
N ILE C 20 0.62 26.83 15.39
CA ILE C 20 1.03 25.94 16.47
C ILE C 20 2.20 26.51 17.22
N GLY C 21 2.09 26.52 18.55
CA GLY C 21 3.14 27.00 19.43
C GLY C 21 3.34 26.08 20.60
N HIS C 22 4.27 26.46 21.47
CA HIS C 22 4.56 25.69 22.68
C HIS C 22 3.29 25.34 23.47
N PHE C 23 3.19 24.06 23.85
CA PHE C 23 2.06 23.53 24.63
C PHE C 23 0.82 23.20 23.81
N ASP C 24 0.76 23.66 22.56
CA ASP C 24 -0.38 23.34 21.69
C ASP C 24 -0.43 21.85 21.35
N LEU C 25 -1.64 21.36 21.13
CA LEU C 25 -1.86 19.95 20.83
C LEU C 25 -2.33 19.74 19.41
N LEU C 26 -2.00 18.58 18.87
CA LEU C 26 -2.48 18.15 17.57
C LEU C 26 -2.74 16.65 17.66
N THR C 27 -3.93 16.22 17.27
CA THR C 27 -4.23 14.80 17.38
C THR C 27 -4.37 14.11 16.02
N ILE C 28 -4.15 12.81 16.04
CA ILE C 28 -4.35 11.97 14.87
C ILE C 28 -5.11 10.75 15.37
N ASN C 29 -6.26 10.49 14.75
CA ASN C 29 -7.19 9.48 15.26
C ASN C 29 -7.61 8.42 14.27
N ASP C 30 -8.12 7.30 14.80
CA ASP C 30 -8.64 6.24 13.95
C ASP C 30 -10.05 6.60 13.52
N ALA C 31 -10.61 5.81 12.61
CA ALA C 31 -11.90 6.11 11.99
C ALA C 31 -13.08 6.16 12.96
N GLY C 32 -13.00 5.40 14.06
CA GLY C 32 -14.10 5.35 15.04
C GLY C 32 -14.09 6.43 16.13
N MET C 33 -12.98 7.17 16.27
CA MET C 33 -12.88 8.19 17.32
C MET C 33 -13.96 9.25 17.14
N PRO C 34 -14.76 9.50 18.20
CA PRO C 34 -15.79 10.54 18.10
C PRO C 34 -15.20 11.94 18.15
N ILE C 35 -14.82 12.46 16.98
CA ILE C 35 -14.25 13.79 16.89
C ILE C 35 -15.36 14.85 16.81
N PRO C 36 -15.30 15.89 17.65
CA PRO C 36 -16.27 16.98 17.61
C PRO C 36 -16.37 17.63 16.24
N ASN C 37 -17.56 18.10 15.90
CA ASN C 37 -17.81 18.70 14.60
C ASN C 37 -17.58 20.21 14.61
N ASP C 38 -16.33 20.63 14.71
CA ASP C 38 -15.96 22.04 14.73
C ASP C 38 -14.84 22.33 13.74
N HIS C 39 -14.23 23.51 13.88
CA HIS C 39 -13.18 23.95 12.96
C HIS C 39 -11.88 23.15 13.03
N ARG C 40 -11.63 22.44 14.13
CA ARG C 40 -10.38 21.68 14.27
C ARG C 40 -10.47 20.31 13.61
N ARG C 41 -11.67 19.92 13.24
CA ARG C 41 -11.88 18.62 12.62
C ARG C 41 -11.31 18.58 11.20
N ILE C 42 -10.40 17.63 10.97
CA ILE C 42 -9.75 17.44 9.68
C ILE C 42 -9.93 15.97 9.23
N ASP C 43 -10.96 15.72 8.41
CA ASP C 43 -11.31 14.36 8.02
C ASP C 43 -10.55 13.91 6.78
N LEU C 44 -9.60 13.01 6.97
CA LEU C 44 -8.79 12.48 5.87
C LEU C 44 -9.23 11.09 5.47
N ALA C 45 -10.20 10.54 6.21
CA ALA C 45 -10.65 9.18 5.97
C ALA C 45 -11.22 9.03 4.56
N VAL C 46 -10.80 7.96 3.89
CA VAL C 46 -11.25 7.65 2.54
C VAL C 46 -12.11 6.41 2.67
N THR C 47 -11.52 5.35 3.19
CA THR C 47 -12.22 4.12 3.41
C THR C 47 -11.46 3.31 4.47
N LYS C 48 -11.97 2.12 4.80
CA LYS C 48 -11.32 1.23 5.74
C LYS C 48 -9.80 1.16 5.53
N ASN C 49 -9.05 1.59 6.55
CA ASN C 49 -7.59 1.57 6.54
C ASN C 49 -6.93 2.41 5.45
N LEU C 50 -7.59 3.49 5.06
CA LEU C 50 -7.06 4.41 4.06
C LEU C 50 -7.46 5.83 4.43
N PRO C 51 -6.49 6.65 4.87
CA PRO C 51 -5.09 6.27 5.07
C PRO C 51 -4.86 5.63 6.45
N ARG C 52 -3.76 4.90 6.57
CA ARG C 52 -3.34 4.31 7.82
C ARG C 52 -2.87 5.34 8.84
N PHE C 53 -3.21 5.09 10.11
CA PHE C 53 -2.81 5.95 11.20
C PHE C 53 -1.31 6.22 11.16
N ILE C 54 -0.53 5.15 10.99
CA ILE C 54 0.92 5.25 11.11
C ILE C 54 1.54 6.09 9.99
N ASP C 55 0.90 6.11 8.83
CA ASP C 55 1.40 6.87 7.68
C ASP C 55 1.14 8.36 7.85
N VAL C 56 -0.01 8.70 8.43
CA VAL C 56 -0.34 10.08 8.69
C VAL C 56 0.58 10.63 9.79
N LEU C 57 0.80 9.81 10.82
CA LEU C 57 1.70 10.17 11.91
C LEU C 57 3.10 10.43 11.39
N ALA C 58 3.64 9.50 10.61
CA ALA C 58 4.99 9.65 10.08
C ALA C 58 5.15 10.96 9.29
N THR C 59 4.12 11.30 8.53
CA THR C 59 4.12 12.51 7.72
C THR C 59 4.05 13.76 8.59
N VAL C 60 3.12 13.78 9.54
CA VAL C 60 3.00 14.93 10.44
C VAL C 60 4.27 15.19 11.26
N LEU C 61 4.89 14.13 11.77
CA LEU C 61 6.13 14.26 12.57
C LEU C 61 7.26 15.00 11.85
N GLU C 62 7.34 14.85 10.53
CA GLU C 62 8.35 15.54 9.74
C GLU C 62 8.17 17.07 9.73
N GLU C 63 7.00 17.54 10.14
CA GLU C 63 6.69 18.98 10.08
C GLU C 63 6.46 19.61 11.46
N MET C 64 6.67 18.84 12.51
CA MET C 64 6.42 19.32 13.87
C MET C 64 7.63 19.13 14.78
N GLU C 65 7.76 20.04 15.74
CA GLU C 65 8.69 19.85 16.83
C GLU C 65 7.82 19.40 17.98
N ILE C 66 7.96 18.15 18.36
CA ILE C 66 7.14 17.64 19.45
C ILE C 66 7.96 17.40 20.70
N GLN C 67 7.28 17.57 21.83
CA GLN C 67 7.86 17.48 23.15
C GLN C 67 7.43 16.19 23.84
N LYS C 68 6.13 15.91 23.75
CA LYS C 68 5.51 14.74 24.36
C LYS C 68 4.41 14.20 23.46
N ILE C 69 4.08 12.94 23.66
CA ILE C 69 2.93 12.35 23.00
C ILE C 69 2.07 11.68 24.08
N TYR C 70 0.76 11.68 23.86
CA TYR C 70 -0.17 10.99 24.73
C TYR C 70 -0.78 9.81 23.97
N LEU C 71 -0.88 8.67 24.65
CA LEU C 71 -1.50 7.48 24.09
C LEU C 71 -2.44 6.88 25.14
N ALA C 72 -3.41 6.11 24.70
CA ALA C 72 -4.31 5.46 25.64
C ALA C 72 -3.57 4.34 26.31
N GLU C 73 -3.76 4.19 27.62
CA GLU C 73 -3.16 3.08 28.38
C GLU C 73 -3.55 1.74 27.72
N GLU C 74 -4.79 1.68 27.24
CA GLU C 74 -5.33 0.48 26.61
C GLU C 74 -4.55 -0.02 25.38
N ILE C 75 -3.78 0.87 24.74
CA ILE C 75 -3.00 0.47 23.57
C ILE C 75 -2.01 -0.63 23.90
N LYS C 76 -1.46 -0.62 25.11
CA LYS C 76 -0.45 -1.61 25.49
C LYS C 76 -0.94 -3.05 25.33
N GLU C 77 -2.20 -3.29 25.68
CA GLU C 77 -2.75 -4.64 25.64
C GLU C 77 -3.57 -4.93 24.38
N HIS C 78 -4.30 -3.93 23.89
CA HIS C 78 -5.19 -4.15 22.76
C HIS C 78 -4.60 -3.85 21.40
N ASN C 79 -3.43 -3.25 21.37
CA ASN C 79 -2.78 -2.96 20.11
C ASN C 79 -1.28 -2.79 20.28
N PRO C 80 -0.60 -3.84 20.79
CA PRO C 80 0.83 -3.80 21.04
C PRO C 80 1.56 -3.43 19.74
N THR C 81 1.04 -3.94 18.64
CA THR C 81 1.62 -3.72 17.31
C THR C 81 1.71 -2.24 16.94
N GLN C 82 0.63 -1.52 17.18
CA GLN C 82 0.60 -0.09 16.90
C GLN C 82 1.54 0.68 17.83
N LEU C 83 1.58 0.27 19.10
CA LEU C 83 2.46 0.88 20.09
C LEU C 83 3.91 0.77 19.65
N GLN C 84 4.28 -0.40 19.20
CA GLN C 84 5.63 -0.65 18.72
C GLN C 84 5.97 0.18 17.48
N GLN C 85 5.02 0.32 16.56
CA GLN C 85 5.25 1.12 15.35
C GLN C 85 5.43 2.59 15.71
N ILE C 86 4.64 3.08 16.66
CA ILE C 86 4.79 4.44 17.12
C ILE C 86 6.18 4.67 17.70
N LYS C 87 6.60 3.78 18.63
CA LYS C 87 7.91 3.90 19.27
C LYS C 87 9.05 3.91 18.27
N GLN C 88 8.89 3.14 17.19
CA GLN C 88 9.88 3.08 16.12
C GLN C 88 10.01 4.41 15.40
N LEU C 89 8.89 5.13 15.33
CA LEU C 89 8.83 6.39 14.62
C LEU C 89 9.46 7.57 15.34
N ILE C 90 9.15 7.70 16.63
CA ILE C 90 9.59 8.85 17.40
C ILE C 90 10.99 8.62 17.96
N SER C 91 11.72 9.70 18.20
CA SER C 91 13.05 9.59 18.80
C SER C 91 12.89 9.28 20.29
N SER C 92 13.96 8.76 20.88
CA SER C 92 13.97 8.43 22.31
C SER C 92 13.93 9.68 23.21
N GLU C 93 14.20 10.85 22.63
CA GLU C 93 14.16 12.11 23.37
C GLU C 93 12.72 12.54 23.70
N ILE C 94 11.75 11.97 23.00
CA ILE C 94 10.34 12.31 23.20
C ILE C 94 9.71 11.41 24.27
N GLU C 95 9.07 12.05 25.25
CA GLU C 95 8.42 11.31 26.34
C GLU C 95 7.05 10.80 25.94
N ILE C 96 6.77 9.55 26.29
CA ILE C 96 5.47 8.94 26.05
C ILE C 96 4.66 8.85 27.34
N ILE C 97 3.50 9.48 27.33
CA ILE C 97 2.63 9.47 28.49
C ILE C 97 1.37 8.69 28.15
N PHE C 98 1.06 7.70 28.99
CA PHE C 98 -0.15 6.90 28.84
C PHE C 98 -1.23 7.41 29.78
N ILE C 99 -2.42 7.63 29.22
CA ILE C 99 -3.58 8.07 29.96
C ILE C 99 -4.74 7.17 29.55
N PRO C 100 -5.85 7.21 30.30
CA PRO C 100 -7.00 6.36 29.92
C PRO C 100 -7.61 6.85 28.62
N HIS C 101 -8.10 5.92 27.79
CA HIS C 101 -8.74 6.27 26.52
C HIS C 101 -9.81 7.33 26.66
N GLU C 102 -10.60 7.26 27.73
CA GLU C 102 -11.63 8.27 28.00
C GLU C 102 -11.04 9.69 28.06
N GLU C 103 -9.83 9.81 28.59
CA GLU C 103 -9.16 11.09 28.63
C GLU C 103 -8.64 11.52 27.26
N MET C 104 -8.22 10.55 26.44
CA MET C 104 -7.80 10.84 25.07
CA MET C 104 -7.79 10.84 25.06
C MET C 104 -8.95 11.51 24.33
N LYS C 105 -10.17 11.03 24.61
CA LYS C 105 -11.39 11.61 24.01
C LYS C 105 -11.69 13.01 24.51
N SER C 106 -11.44 13.26 25.80
CA SER C 106 -11.62 14.60 26.36
C SER C 106 -10.67 15.57 25.70
N ASN C 107 -9.43 15.14 25.48
CA ASN C 107 -8.42 15.99 24.88
C ASN C 107 -8.77 16.50 23.48
N LEU C 108 -9.75 15.86 22.85
CA LEU C 108 -10.20 16.30 21.53
C LEU C 108 -10.82 17.69 21.61
N ALA C 109 -11.19 18.12 22.82
CA ALA C 109 -11.73 19.46 23.05
C ALA C 109 -10.86 20.30 23.97
N HIS C 110 -9.59 19.91 24.11
CA HIS C 110 -8.63 20.65 24.92
C HIS C 110 -8.50 22.07 24.38
N PRO C 111 -8.42 23.08 25.26
CA PRO C 111 -8.31 24.48 24.84
C PRO C 111 -7.13 24.79 23.92
N LEU C 112 -6.06 24.02 24.02
CA LEU C 112 -4.87 24.26 23.19
C LEU C 112 -4.79 23.27 22.03
N ASN C 113 -5.88 22.53 21.82
CA ASN C 113 -5.95 21.62 20.68
C ASN C 113 -6.11 22.42 19.38
N LYS C 114 -5.13 22.31 18.50
CA LYS C 114 -5.15 23.03 17.22
C LYS C 114 -5.64 22.19 16.02
N GLY C 115 -6.11 20.98 16.26
CA GLY C 115 -6.59 20.13 15.18
C GLY C 115 -6.74 18.67 15.54
N ASN C 116 -7.81 18.08 15.04
CA ASN C 116 -8.09 16.66 15.24
C ASN C 116 -8.16 15.99 13.87
N ILE C 117 -7.10 15.26 13.52
CA ILE C 117 -7.04 14.58 12.23
C ILE C 117 -7.64 13.19 12.30
N ARG C 118 -8.59 12.92 11.40
CA ARG C 118 -9.23 11.62 11.30
C ARG C 118 -8.64 10.81 10.14
N THR C 119 -8.20 9.59 10.44
CA THR C 119 -7.65 8.70 9.43
C THR C 119 -8.68 7.60 9.16
N GLY C 120 -8.33 6.65 8.30
CA GLY C 120 -9.21 5.53 8.02
C GLY C 120 -8.90 4.30 8.86
N GLU C 121 -7.96 4.41 9.79
CA GLU C 121 -7.50 3.31 10.63
C GLU C 121 -8.63 2.60 11.41
N THR C 122 -8.61 1.27 11.39
CA THR C 122 -9.63 0.48 12.07
C THR C 122 -9.11 -0.31 13.28
N THR C 123 -7.79 -0.44 13.42
CA THR C 123 -7.23 -1.11 14.59
C THR C 123 -7.46 -0.25 15.85
N PRO C 124 -7.78 -0.90 16.98
CA PRO C 124 -8.19 -0.24 18.24
C PRO C 124 -7.12 0.64 18.89
N TYR C 125 -7.57 1.76 19.45
CA TYR C 125 -6.70 2.69 20.16
C TYR C 125 -5.59 3.26 19.30
N SER C 126 -5.84 3.41 18.01
CA SER C 126 -4.86 4.05 17.13
C SER C 126 -5.15 5.53 17.14
N ASN C 127 -4.84 6.15 18.28
CA ASN C 127 -5.04 7.57 18.48
C ASN C 127 -3.83 8.11 19.19
N ILE C 128 -3.49 9.36 18.92
CA ILE C 128 -2.31 9.95 19.52
C ILE C 128 -2.54 11.45 19.66
N ALA C 129 -1.90 12.04 20.66
CA ALA C 129 -1.92 13.48 20.84
C ALA C 129 -0.49 13.94 20.86
N LEU C 130 -0.19 14.91 20.02
CA LEU C 130 1.16 15.46 19.92
C LEU C 130 1.21 16.82 20.58
N GLU C 131 2.13 16.99 21.53
CA GLU C 131 2.31 18.27 22.19
C GLU C 131 3.51 19.00 21.60
N SER C 132 3.29 20.23 21.21
CA SER C 132 4.31 21.02 20.55
C SER C 132 5.35 21.56 21.52
N ASN C 133 6.59 21.62 21.02
CA ASN C 133 7.70 22.30 21.67
C ASN C 133 7.64 23.77 21.25
N VAL C 134 8.67 24.54 21.59
CA VAL C 134 8.75 25.95 21.17
C VAL C 134 8.84 26.08 19.64
N THR C 135 7.96 26.90 19.05
CA THR C 135 7.91 27.04 17.59
C THR C 135 8.23 28.43 17.04
N PHE C 136 8.38 29.42 17.93
CA PHE C 136 8.66 30.81 17.53
C PHE C 136 7.50 31.43 16.73
N VAL D 8 17.84 -6.07 1.74
CA VAL D 8 16.99 -7.15 1.13
C VAL D 8 16.94 -8.37 2.03
N LEU D 9 15.73 -8.76 2.39
CA LEU D 9 15.52 -9.91 3.23
C LEU D 9 15.41 -11.16 2.36
N ASN D 10 15.27 -10.98 1.05
CA ASN D 10 15.10 -12.13 0.16
C ASN D 10 16.34 -12.98 0.03
N GLU D 11 16.18 -14.28 0.31
CA GLU D 11 17.29 -15.22 0.32
C GLU D 11 17.92 -15.39 -1.06
N HIS D 12 17.10 -15.66 -2.07
CA HIS D 12 17.64 -15.85 -3.42
C HIS D 12 18.25 -14.57 -3.98
N ILE D 13 17.62 -13.42 -3.75
CA ILE D 13 18.17 -12.17 -4.22
C ILE D 13 19.52 -11.94 -3.57
N SER D 14 19.60 -12.17 -2.26
CA SER D 14 20.86 -12.00 -1.51
C SER D 14 21.97 -12.88 -2.05
N LYS D 15 21.65 -14.14 -2.33
CA LYS D 15 22.58 -15.07 -2.97
C LYS D 15 23.11 -14.56 -4.30
N ALA D 16 22.19 -14.20 -5.20
CA ALA D 16 22.54 -13.66 -6.52
C ALA D 16 23.47 -12.45 -6.38
N ILE D 17 23.06 -11.48 -5.55
CA ILE D 17 23.85 -10.28 -5.32
C ILE D 17 25.23 -10.60 -4.72
N ALA D 18 25.35 -11.77 -4.11
CA ALA D 18 26.65 -12.22 -3.57
C ALA D 18 27.60 -12.67 -4.68
N THR D 19 27.05 -13.29 -5.72
CA THR D 19 27.86 -13.81 -6.83
C THR D 19 28.03 -12.75 -7.93
N ILE D 20 27.53 -11.55 -7.69
CA ILE D 20 27.58 -10.47 -8.68
C ILE D 20 28.91 -9.73 -8.66
N GLY D 21 29.47 -9.56 -9.86
CA GLY D 21 30.67 -8.73 -10.05
C GLY D 21 30.51 -7.79 -11.24
N HIS D 22 31.52 -6.96 -11.48
CA HIS D 22 31.53 -6.06 -12.64
C HIS D 22 31.03 -6.72 -13.92
N PHE D 23 30.14 -6.01 -14.63
CA PHE D 23 29.54 -6.49 -15.90
C PHE D 23 28.37 -7.46 -15.75
N ASP D 24 28.18 -8.02 -14.56
CA ASP D 24 27.06 -8.93 -14.33
C ASP D 24 25.72 -8.20 -14.36
N LEU D 25 24.67 -8.93 -14.72
CA LEU D 25 23.31 -8.40 -14.83
C LEU D 25 22.38 -9.01 -13.80
N LEU D 26 21.40 -8.20 -13.39
CA LEU D 26 20.31 -8.64 -12.54
C LEU D 26 19.07 -7.94 -13.08
N THR D 27 18.00 -8.69 -13.33
CA THR D 27 16.80 -8.07 -13.89
C THR D 27 15.61 -8.12 -12.96
N ILE D 28 14.71 -7.17 -13.16
CA ILE D 28 13.47 -7.10 -12.42
C ILE D 28 12.39 -6.96 -13.48
N ASN D 29 11.38 -7.83 -13.42
CA ASN D 29 10.36 -7.88 -14.46
C ASN D 29 8.93 -7.86 -13.93
N ASP D 30 8.01 -7.46 -14.80
CA ASP D 30 6.59 -7.51 -14.48
C ASP D 30 6.09 -8.94 -14.57
N ALA D 31 4.84 -9.14 -14.18
CA ALA D 31 4.26 -10.48 -14.07
C ALA D 31 4.16 -11.22 -15.41
N GLY D 32 4.05 -10.47 -16.50
CA GLY D 32 3.88 -11.08 -17.82
C GLY D 32 5.15 -11.39 -18.61
N MET D 33 6.30 -10.91 -18.15
CA MET D 33 7.57 -11.18 -18.83
C MET D 33 7.86 -12.68 -18.84
N PRO D 34 8.14 -13.24 -20.02
CA PRO D 34 8.43 -14.67 -20.14
C PRO D 34 9.82 -15.03 -19.65
N ILE D 35 9.93 -15.28 -18.34
CA ILE D 35 11.21 -15.60 -17.74
C ILE D 35 11.52 -17.10 -17.87
N PRO D 36 12.70 -17.45 -18.40
CA PRO D 36 13.05 -18.87 -18.54
C PRO D 36 12.97 -19.61 -17.21
N ASN D 37 12.66 -20.89 -17.29
CA ASN D 37 12.53 -21.72 -16.09
C ASN D 37 13.87 -22.35 -15.71
N ASP D 38 14.78 -21.54 -15.18
CA ASP D 38 16.09 -22.04 -14.74
C ASP D 38 16.45 -21.55 -13.34
N HIS D 39 17.72 -21.76 -12.96
CA HIS D 39 18.22 -21.36 -11.65
C HIS D 39 18.25 -19.84 -11.41
N ARG D 40 18.23 -19.06 -12.49
CA ARG D 40 18.25 -17.61 -12.40
C ARG D 40 16.90 -17.04 -11.94
N ARG D 41 15.85 -17.83 -12.12
CA ARG D 41 14.49 -17.34 -11.88
C ARG D 41 14.16 -17.18 -10.39
N ILE D 42 13.64 -16.01 -10.06
CA ILE D 42 13.25 -15.66 -8.70
C ILE D 42 11.85 -15.06 -8.74
N ASP D 43 10.87 -15.89 -8.39
CA ASP D 43 9.46 -15.51 -8.51
C ASP D 43 8.94 -14.93 -7.19
N LEU D 44 8.79 -13.61 -7.16
CA LEU D 44 8.28 -12.93 -5.98
C LEU D 44 6.79 -12.60 -6.13
N ALA D 45 6.23 -12.86 -7.30
CA ALA D 45 4.85 -12.50 -7.58
C ALA D 45 3.91 -13.17 -6.60
N VAL D 46 2.98 -12.38 -6.07
CA VAL D 46 1.97 -12.85 -5.13
C VAL D 46 0.64 -12.83 -5.86
N THR D 47 0.28 -11.66 -6.34
CA THR D 47 -0.96 -11.45 -7.04
C THR D 47 -0.81 -10.17 -7.85
N LYS D 48 -1.86 -9.79 -8.55
CA LYS D 48 -1.89 -8.58 -9.37
C LYS D 48 -1.32 -7.39 -8.60
N ASN D 49 -0.22 -6.84 -9.13
CA ASN D 49 0.43 -5.69 -8.53
C ASN D 49 0.92 -5.88 -7.10
N LEU D 50 1.32 -7.11 -6.77
CA LEU D 50 1.89 -7.41 -5.47
C LEU D 50 3.00 -8.44 -5.64
N PRO D 51 4.26 -8.03 -5.42
CA PRO D 51 4.67 -6.67 -5.12
C PRO D 51 4.83 -5.84 -6.40
N ARG D 52 4.84 -4.52 -6.26
CA ARG D 52 4.99 -3.62 -7.38
C ARG D 52 6.42 -3.61 -7.89
N PHE D 53 6.57 -3.35 -9.19
CA PHE D 53 7.87 -3.26 -9.82
C PHE D 53 8.73 -2.23 -9.11
N ILE D 54 8.15 -1.07 -8.85
CA ILE D 54 8.92 0.06 -8.33
C ILE D 54 9.48 -0.22 -6.93
N ASP D 55 8.74 -1.00 -6.16
CA ASP D 55 9.13 -1.30 -4.79
C ASP D 55 10.27 -2.29 -4.74
N VAL D 56 10.23 -3.29 -5.61
CA VAL D 56 11.34 -4.24 -5.68
C VAL D 56 12.60 -3.52 -6.19
N LEU D 57 12.45 -2.68 -7.22
CA LEU D 57 13.58 -1.92 -7.73
C LEU D 57 14.25 -1.07 -6.64
N ALA D 58 13.44 -0.31 -5.89
CA ALA D 58 13.97 0.53 -4.82
C ALA D 58 14.75 -0.30 -3.78
N THR D 59 14.23 -1.47 -3.45
CA THR D 59 14.88 -2.35 -2.49
C THR D 59 16.22 -2.82 -3.03
N VAL D 60 16.23 -3.32 -4.26
CA VAL D 60 17.43 -3.88 -4.86
C VAL D 60 18.52 -2.83 -5.03
N LEU D 61 18.14 -1.60 -5.40
CA LEU D 61 19.11 -0.53 -5.59
C LEU D 61 19.91 -0.23 -4.34
N GLU D 62 19.30 -0.43 -3.18
CA GLU D 62 19.95 -0.22 -1.90
C GLU D 62 21.04 -1.27 -1.60
N GLU D 63 21.14 -2.28 -2.44
CA GLU D 63 22.05 -3.41 -2.20
C GLU D 63 23.08 -3.59 -3.30
N MET D 64 22.94 -2.83 -4.39
CA MET D 64 23.81 -2.99 -5.54
C MET D 64 24.55 -1.72 -5.92
N GLU D 65 25.74 -1.92 -6.47
CA GLU D 65 26.48 -0.83 -7.09
C GLU D 65 26.22 -0.97 -8.57
N ILE D 66 25.39 -0.07 -9.09
CA ILE D 66 25.03 -0.17 -10.50
CA ILE D 66 24.96 -0.11 -10.49
C ILE D 66 25.70 0.91 -11.36
N GLN D 67 26.01 0.51 -12.57
CA GLN D 67 26.72 1.29 -13.55
CA GLN D 67 26.71 1.37 -13.51
C GLN D 67 25.72 1.81 -14.59
N LYS D 68 24.91 0.88 -15.06
CA LYS D 68 23.95 1.12 -16.13
C LYS D 68 22.67 0.37 -15.90
N ILE D 69 21.59 0.91 -16.45
CA ILE D 69 20.34 0.18 -16.49
C ILE D 69 19.87 0.10 -17.93
N TYR D 70 19.08 -0.93 -18.23
CA TYR D 70 18.51 -1.08 -19.55
C TYR D 70 17.00 -1.10 -19.42
N LEU D 71 16.34 -0.39 -20.33
CA LEU D 71 14.89 -0.33 -20.38
C LEU D 71 14.43 -0.49 -21.82
N ALA D 72 13.18 -0.89 -22.00
CA ALA D 72 12.62 -1.00 -23.34
C ALA D 72 12.33 0.38 -23.88
N GLU D 73 12.72 0.60 -25.13
CA GLU D 73 12.41 1.86 -25.82
C GLU D 73 10.90 2.13 -25.73
N GLU D 74 10.11 1.05 -25.79
CA GLU D 74 8.64 1.14 -25.69
C GLU D 74 8.09 1.76 -24.40
N ILE D 75 8.89 1.79 -23.34
CA ILE D 75 8.42 2.34 -22.08
C ILE D 75 8.06 3.83 -22.20
N LYS D 76 8.83 4.55 -23.02
CA LYS D 76 8.68 6.01 -23.17
C LYS D 76 7.26 6.41 -23.54
N GLU D 77 6.63 5.63 -24.40
CA GLU D 77 5.30 5.98 -24.86
C GLU D 77 4.19 5.15 -24.20
N HIS D 78 4.51 3.91 -23.83
CA HIS D 78 3.48 3.03 -23.26
C HIS D 78 3.39 3.07 -21.73
N ASN D 79 4.40 3.64 -21.07
CA ASN D 79 4.42 3.74 -19.63
C ASN D 79 5.31 4.89 -19.18
N PRO D 80 4.96 6.12 -19.57
CA PRO D 80 5.72 7.33 -19.22
C PRO D 80 5.82 7.48 -17.70
N THR D 81 4.77 7.05 -17.00
CA THR D 81 4.70 7.05 -15.54
C THR D 81 5.79 6.21 -14.88
N GLN D 82 5.93 4.97 -15.34
CA GLN D 82 6.95 4.09 -14.79
C GLN D 82 8.34 4.62 -15.09
N LEU D 83 8.53 5.19 -16.29
CA LEU D 83 9.86 5.74 -16.66
C LEU D 83 10.24 6.86 -15.70
N GLN D 84 9.30 7.76 -15.48
CA GLN D 84 9.49 8.85 -14.53
C GLN D 84 9.82 8.34 -13.12
N GLN D 85 9.09 7.32 -12.65
CA GLN D 85 9.35 6.75 -11.32
C GLN D 85 10.74 6.17 -11.24
N ILE D 86 11.18 5.52 -12.32
CA ILE D 86 12.51 4.94 -12.35
C ILE D 86 13.58 6.02 -12.27
N LYS D 87 13.44 7.05 -13.10
CA LYS D 87 14.37 8.19 -13.11
C LYS D 87 14.56 8.85 -11.74
N GLN D 88 13.47 9.01 -10.99
CA GLN D 88 13.50 9.61 -9.65
C GLN D 88 14.22 8.73 -8.64
N LEU D 89 14.28 7.44 -8.93
CA LEU D 89 14.89 6.46 -8.04
C LEU D 89 16.41 6.33 -8.19
N ILE D 90 16.91 6.41 -9.42
CA ILE D 90 18.33 6.24 -9.67
C ILE D 90 19.02 7.59 -9.70
N SER D 91 20.30 7.61 -9.35
CA SER D 91 21.11 8.83 -9.41
C SER D 91 21.30 9.33 -10.84
N SER D 92 21.85 10.53 -10.97
CA SER D 92 22.13 11.12 -12.28
C SER D 92 23.45 10.59 -12.85
N GLU D 93 24.20 9.87 -12.02
CA GLU D 93 25.47 9.27 -12.40
C GLU D 93 25.30 7.86 -12.99
N ILE D 94 24.06 7.44 -13.16
CA ILE D 94 23.78 6.14 -13.76
C ILE D 94 23.20 6.35 -15.13
N GLU D 95 23.76 5.65 -16.11
CA GLU D 95 23.35 5.77 -17.50
C GLU D 95 22.12 4.91 -17.78
N ILE D 96 21.15 5.51 -18.49
CA ILE D 96 19.95 4.83 -18.92
C ILE D 96 20.03 4.51 -20.42
N ILE D 97 20.08 3.22 -20.73
CA ILE D 97 20.15 2.80 -22.13
C ILE D 97 18.83 2.17 -22.60
N PHE D 98 18.23 2.74 -23.63
CA PHE D 98 17.00 2.20 -24.19
C PHE D 98 17.27 1.24 -25.34
N ILE D 99 16.67 0.06 -25.25
CA ILE D 99 16.78 -0.97 -26.28
C ILE D 99 15.37 -1.46 -26.59
N PRO D 100 15.19 -2.22 -27.69
CA PRO D 100 13.85 -2.74 -28.01
C PRO D 100 13.44 -3.79 -26.99
N HIS D 101 12.15 -3.78 -26.63
CA HIS D 101 11.62 -4.78 -25.70
C HIS D 101 12.07 -6.20 -26.05
N GLU D 102 12.07 -6.51 -27.34
CA GLU D 102 12.52 -7.82 -27.83
C GLU D 102 13.90 -8.19 -27.29
N GLU D 103 14.79 -7.20 -27.20
CA GLU D 103 16.14 -7.43 -26.70
CA GLU D 103 16.14 -7.41 -26.71
C GLU D 103 16.16 -7.57 -25.19
N MET D 104 15.26 -6.86 -24.51
CA MET D 104 15.12 -7.00 -23.05
C MET D 104 14.82 -8.45 -22.75
N LYS D 105 14.00 -9.07 -23.59
CA LYS D 105 13.64 -10.48 -23.45
C LYS D 105 14.84 -11.40 -23.65
N SER D 106 15.66 -11.08 -24.66
CA SER D 106 16.87 -11.86 -24.95
C SER D 106 17.87 -11.78 -23.82
N ASN D 107 17.94 -10.62 -23.18
CA ASN D 107 18.84 -10.44 -22.04
C ASN D 107 18.52 -11.32 -20.84
N LEU D 108 17.30 -11.85 -20.78
CA LEU D 108 16.92 -12.76 -19.68
C LEU D 108 17.78 -14.02 -19.71
N ALA D 109 18.44 -14.27 -20.83
CA ALA D 109 19.32 -15.42 -20.97
C ALA D 109 20.77 -15.00 -21.23
N HIS D 110 21.08 -13.73 -20.97
CA HIS D 110 22.44 -13.22 -21.13
C HIS D 110 23.40 -14.05 -20.28
N PRO D 111 24.60 -14.34 -20.81
CA PRO D 111 25.58 -15.17 -20.11
C PRO D 111 26.02 -14.61 -18.75
N LEU D 112 25.95 -13.29 -18.58
CA LEU D 112 26.35 -12.65 -17.33
C LEU D 112 25.14 -12.28 -16.47
N ASN D 113 23.97 -12.82 -16.83
CA ASN D 113 22.76 -12.58 -16.08
C ASN D 113 22.75 -13.47 -14.86
N LYS D 114 22.70 -12.86 -13.68
CA LYS D 114 22.76 -13.62 -12.44
C LYS D 114 21.42 -13.77 -11.73
N GLY D 115 20.34 -13.30 -12.34
CA GLY D 115 19.04 -13.44 -11.73
C GLY D 115 17.97 -12.65 -12.44
N ASN D 116 16.81 -13.29 -12.63
CA ASN D 116 15.64 -12.64 -13.19
C ASN D 116 14.54 -12.63 -12.15
N ILE D 117 14.27 -11.45 -11.60
CA ILE D 117 13.26 -11.30 -10.57
C ILE D 117 11.91 -11.01 -11.19
N ARG D 118 10.92 -11.81 -10.83
CA ARG D 118 9.56 -11.61 -11.28
C ARG D 118 8.72 -10.98 -10.19
N THR D 119 8.12 -9.83 -10.49
CA THR D 119 7.24 -9.12 -9.58
C THR D 119 5.80 -9.33 -10.00
N GLY D 120 4.85 -8.75 -9.27
CA GLY D 120 3.45 -8.86 -9.66
C GLY D 120 2.96 -7.71 -10.53
N GLU D 121 3.88 -6.84 -10.95
CA GLU D 121 3.52 -5.67 -11.75
C GLU D 121 2.69 -6.02 -12.98
N THR D 122 1.63 -5.28 -13.24
CA THR D 122 0.80 -5.53 -14.43
C THR D 122 0.84 -4.40 -15.47
N THR D 123 1.44 -3.27 -15.14
CA THR D 123 1.57 -2.21 -16.12
C THR D 123 2.68 -2.56 -17.13
N PRO D 124 2.49 -2.15 -18.40
CA PRO D 124 3.34 -2.53 -19.55
C PRO D 124 4.80 -2.04 -19.50
N TYR D 125 5.70 -2.90 -19.94
CA TYR D 125 7.13 -2.58 -20.05
C TYR D 125 7.80 -2.21 -18.73
N SER D 126 7.25 -2.70 -17.61
CA SER D 126 7.88 -2.54 -16.30
C SER D 126 8.95 -3.61 -16.15
N ASN D 127 10.02 -3.48 -16.93
CA ASN D 127 11.13 -4.41 -16.88
C ASN D 127 12.41 -3.63 -16.93
N ILE D 128 13.42 -4.11 -16.21
CA ILE D 128 14.67 -3.39 -16.14
C ILE D 128 15.79 -4.39 -16.00
N ALA D 129 16.97 -3.99 -16.45
CA ALA D 129 18.16 -4.79 -16.32
C ALA D 129 19.18 -3.89 -15.70
N LEU D 130 19.81 -4.38 -14.63
CA LEU D 130 20.80 -3.61 -13.90
C LEU D 130 22.17 -4.20 -14.13
N GLU D 131 23.10 -3.36 -14.55
CA GLU D 131 24.46 -3.78 -14.79
C GLU D 131 25.32 -3.32 -13.65
N SER D 132 26.01 -4.29 -13.05
CA SER D 132 26.84 -4.04 -11.89
C SER D 132 28.17 -3.37 -12.22
N ASN D 133 28.55 -2.44 -11.35
CA ASN D 133 29.87 -1.84 -11.34
C ASN D 133 30.83 -2.80 -10.63
N VAL D 134 32.02 -2.32 -10.26
CA VAL D 134 32.96 -3.14 -9.49
C VAL D 134 32.40 -3.44 -8.10
N THR D 135 32.43 -4.72 -7.72
CA THR D 135 31.95 -5.16 -6.40
C THR D 135 32.91 -4.84 -5.26
#